data_5LUV
#
_entry.id   5LUV
#
_cell.length_a   109.538
_cell.length_b   109.538
_cell.length_c   95.209
_cell.angle_alpha   90.00
_cell.angle_beta   90.00
_cell.angle_gamma   90.00
#
_symmetry.space_group_name_H-M   'I 41'
#
loop_
_entity.id
_entity.type
_entity.pdbx_description
1 polymer 'Putative PAS/PAC sensor protein'
2 non-polymer 'SULFATE ION'
3 non-polymer 'CHLORIDE ION'
4 water water
#
_entity_poly.entity_id   1
_entity_poly.type   'polypeptide(L)'
_entity_poly.pdbx_seq_one_letter_code
;MGSSHHHHHHSSGLVPRGSHMINAQLLQSMVDASNDGIVVAEQEGDDTILIYVNPAFERLTGYSRDEILYQDCRFLQGDD
RDQLARARIRKALAEGRPCREVLRNYRKDGSAFWNELSITPVKCDADHRTYFIGIQKDVSRQVELERELAEMHVRRNFDK
RPEPSA
;
_entity_poly.pdbx_strand_id   A,B
#
loop_
_chem_comp.id
_chem_comp.type
_chem_comp.name
_chem_comp.formula
CL non-polymer 'CHLORIDE ION' 'Cl -1'
SO4 non-polymer 'SULFATE ION' 'O4 S -2'
#
# COMPACT_ATOMS: atom_id res chain seq x y z
N MET A 21 -19.39 6.52 -5.15
CA MET A 21 -19.34 7.23 -6.42
C MET A 21 -18.12 6.82 -7.29
N ILE A 22 -17.71 5.55 -7.22
CA ILE A 22 -16.60 5.01 -8.01
C ILE A 22 -16.87 3.54 -8.33
N ASN A 23 -16.52 3.16 -9.57
CA ASN A 23 -16.82 1.86 -10.12
C ASN A 23 -16.22 0.75 -9.24
N ALA A 24 -16.87 -0.43 -9.23
CA ALA A 24 -16.34 -1.53 -8.42
C ALA A 24 -15.14 -2.19 -9.09
N GLN A 25 -15.03 -2.16 -10.42
CA GLN A 25 -13.82 -2.65 -11.06
C GLN A 25 -12.64 -1.76 -10.69
N LEU A 26 -12.85 -0.45 -10.67
CA LEU A 26 -11.76 0.49 -10.46
C LEU A 26 -11.19 0.38 -9.06
N LEU A 27 -12.04 0.15 -8.05
CA LEU A 27 -11.55 -0.07 -6.70
C LEU A 27 -10.67 -1.32 -6.66
N GLN A 28 -11.10 -2.39 -7.33
CA GLN A 28 -10.29 -3.60 -7.35
C GLN A 28 -8.93 -3.34 -7.97
N SER A 29 -8.90 -2.54 -9.04
CA SER A 29 -7.63 -2.20 -9.67
C SER A 29 -6.78 -1.37 -8.74
N MET A 30 -7.41 -0.49 -7.97
CA MET A 30 -6.64 0.25 -6.97
C MET A 30 -5.97 -0.72 -6.00
N VAL A 31 -6.73 -1.69 -5.49
CA VAL A 31 -6.18 -2.62 -4.51
C VAL A 31 -5.11 -3.48 -5.15
N ASP A 32 -5.34 -3.92 -6.38
CA ASP A 32 -4.40 -4.77 -7.10
C ASP A 32 -3.09 -4.06 -7.42
N ALA A 33 -3.12 -2.75 -7.66
CA ALA A 33 -1.90 -2.04 -8.01
C ALA A 33 -1.07 -1.69 -6.79
N SER A 34 -1.66 -1.83 -5.61
CA SER A 34 -1.01 -1.45 -4.36
C SER A 34 0.32 -2.14 -4.19
N ASN A 35 1.32 -1.39 -3.69
CA ASN A 35 2.62 -1.96 -3.35
C ASN A 35 2.55 -2.72 -2.05
N ASP A 36 1.76 -2.24 -1.09
CA ASP A 36 1.58 -2.89 0.20
C ASP A 36 0.63 -4.08 0.08
N GLY A 37 0.84 -5.08 0.94
CA GLY A 37 -0.12 -6.16 1.05
C GLY A 37 -1.39 -5.67 1.71
N ILE A 38 -2.52 -6.13 1.17
CA ILE A 38 -3.85 -5.78 1.65
C ILE A 38 -4.66 -7.07 1.74
N VAL A 39 -5.14 -7.38 2.94
CA VAL A 39 -5.91 -8.59 3.15
C VAL A 39 -7.19 -8.24 3.89
N VAL A 40 -8.16 -9.15 3.79
CA VAL A 40 -9.34 -9.12 4.64
C VAL A 40 -9.39 -10.43 5.38
N ALA A 41 -9.76 -10.38 6.65
CA ALA A 41 -9.90 -11.58 7.44
C ALA A 41 -11.20 -11.46 8.23
N GLU A 42 -11.78 -12.62 8.58
CA GLU A 42 -12.91 -12.67 9.48
C GLU A 42 -12.62 -13.59 10.65
N GLN A 43 -13.14 -13.25 11.82
CA GLN A 43 -13.01 -14.09 12.99
C GLN A 43 -13.88 -15.33 12.83
N GLU A 44 -13.29 -16.49 13.03
CA GLU A 44 -14.03 -17.75 13.08
C GLU A 44 -13.59 -18.51 14.32
N GLY A 45 -14.45 -18.57 15.34
CA GLY A 45 -14.06 -19.22 16.57
C GLY A 45 -12.78 -18.64 17.11
N ASP A 46 -11.79 -19.51 17.33
CA ASP A 46 -10.50 -19.07 17.86
C ASP A 46 -9.57 -18.56 16.77
N ASP A 47 -10.02 -18.54 15.52
CA ASP A 47 -9.16 -18.28 14.37
C ASP A 47 -9.53 -16.98 13.69
N THR A 48 -8.56 -16.41 12.98
CA THR A 48 -8.81 -15.24 12.15
C THR A 48 -8.48 -15.70 10.75
N ILE A 49 -9.49 -15.85 9.90
CA ILE A 49 -9.35 -16.55 8.63
C ILE A 49 -9.23 -15.53 7.51
N LEU A 50 -8.20 -15.67 6.66
CA LEU A 50 -7.97 -14.72 5.58
C LEU A 50 -8.87 -15.05 4.40
N ILE A 51 -9.79 -14.14 4.07
CA ILE A 51 -10.73 -14.39 2.99
C ILE A 51 -10.43 -13.64 1.69
N TYR A 52 -9.45 -12.74 1.69
CA TYR A 52 -9.05 -12.02 0.48
C TYR A 52 -7.59 -11.65 0.61
N VAL A 53 -6.86 -11.71 -0.50
CA VAL A 53 -5.46 -11.32 -0.53
C VAL A 53 -5.16 -10.63 -1.85
N ASN A 54 -4.44 -9.50 -1.79
CA ASN A 54 -4.05 -8.82 -3.02
C ASN A 54 -2.73 -9.34 -3.52
N PRO A 55 -2.37 -9.07 -4.78
CA PRO A 55 -1.10 -9.59 -5.31
C PRO A 55 0.13 -9.20 -4.51
N ALA A 56 0.22 -7.94 -4.07
CA ALA A 56 1.38 -7.54 -3.26
C ALA A 56 1.55 -8.44 -2.04
N PHE A 57 0.45 -8.86 -1.44
CA PHE A 57 0.54 -9.74 -0.30
C PHE A 57 1.14 -11.09 -0.70
N GLU A 58 0.75 -11.62 -1.87
CA GLU A 58 1.39 -12.83 -2.41
C GLU A 58 2.91 -12.65 -2.57
N ARG A 59 3.32 -11.50 -3.13
CA ARG A 59 4.74 -11.28 -3.39
C ARG A 59 5.50 -11.06 -2.10
N LEU A 60 4.90 -10.34 -1.15
CA LEU A 60 5.59 -10.04 0.08
C LEU A 60 5.91 -11.31 0.85
N THR A 61 4.92 -12.21 0.97
CA THR A 61 5.03 -13.45 1.74
C THR A 61 5.61 -14.64 0.95
N GLY A 62 5.62 -14.58 -0.37
CA GLY A 62 6.07 -15.74 -1.12
C GLY A 62 5.07 -16.87 -1.24
N TYR A 63 3.82 -16.70 -0.78
CA TYR A 63 2.74 -17.66 -0.94
C TYR A 63 1.75 -17.18 -1.99
N SER A 64 1.26 -18.11 -2.79
CA SER A 64 0.24 -17.76 -3.77
C SER A 64 -1.13 -17.62 -3.10
N ARG A 65 -2.02 -16.87 -3.75
CA ARG A 65 -3.35 -16.63 -3.22
C ARG A 65 -4.04 -17.93 -2.81
N ASP A 66 -3.99 -18.94 -3.68
CA ASP A 66 -4.72 -20.16 -3.42
C ASP A 66 -4.11 -20.99 -2.29
N GLU A 67 -2.82 -20.83 -1.99
CA GLU A 67 -2.31 -21.48 -0.78
C GLU A 67 -2.55 -20.70 0.50
N ILE A 68 -2.81 -19.39 0.41
CA ILE A 68 -3.07 -18.58 1.59
C ILE A 68 -4.52 -18.68 2.04
N LEU A 69 -5.45 -18.62 1.09
CA LEU A 69 -6.83 -18.25 1.44
C LEU A 69 -7.48 -19.30 2.32
N TYR A 70 -8.32 -18.81 3.21
CA TYR A 70 -9.10 -19.62 4.12
C TYR A 70 -8.24 -20.35 5.11
N GLN A 71 -7.07 -19.80 5.38
CA GLN A 71 -6.24 -20.28 6.47
C GLN A 71 -6.15 -19.22 7.56
N ASP A 72 -5.89 -19.67 8.78
CA ASP A 72 -5.72 -18.80 9.92
C ASP A 72 -4.49 -17.94 9.71
N CYS A 73 -4.51 -16.74 10.28
CA CYS A 73 -3.42 -15.81 10.08
C CYS A 73 -2.08 -16.34 10.56
N ARG A 74 -2.06 -17.37 11.40
CA ARG A 74 -0.81 -17.90 11.91
CA ARG A 74 -0.81 -17.90 11.90
C ARG A 74 -0.10 -18.81 10.91
N PHE A 75 -0.65 -18.97 9.70
CA PHE A 75 0.08 -19.69 8.66
C PHE A 75 1.40 -19.00 8.36
N LEU A 76 1.46 -17.69 8.54
CA LEU A 76 2.65 -16.92 8.23
C LEU A 76 3.56 -16.94 9.45
N GLN A 77 4.74 -17.52 9.28
CA GLN A 77 5.56 -17.79 10.44
C GLN A 77 6.05 -16.48 11.03
N GLY A 78 5.93 -16.35 12.35
CA GLY A 78 6.36 -15.18 13.08
C GLY A 78 7.66 -15.43 13.82
N ASP A 79 7.99 -14.48 14.68
CA ASP A 79 9.21 -14.50 15.50
C ASP A 79 8.83 -14.59 16.98
N ASP A 80 9.65 -15.31 17.76
CA ASP A 80 9.36 -15.41 19.18
C ASP A 80 9.54 -14.08 19.88
N ARG A 81 10.43 -13.22 19.35
CA ARG A 81 10.60 -11.87 19.89
C ARG A 81 9.33 -11.02 19.81
N ASP A 82 8.36 -11.38 18.98
CA ASP A 82 7.13 -10.63 18.81
C ASP A 82 5.97 -11.16 19.63
N GLN A 83 6.21 -12.15 20.49
CA GLN A 83 5.09 -12.80 21.17
C GLN A 83 4.18 -11.78 21.87
N LEU A 84 4.78 -10.79 22.53
CA LEU A 84 3.98 -9.76 23.19
C LEU A 84 3.12 -9.00 22.19
N ALA A 85 3.73 -8.52 21.09
CA ALA A 85 2.99 -7.79 20.08
C ALA A 85 1.83 -8.61 19.53
N ARG A 86 2.10 -9.88 19.18
CA ARG A 86 1.03 -10.76 18.71
C ARG A 86 -0.09 -10.86 19.74
N ALA A 87 0.27 -10.87 21.02
CA ALA A 87 -0.78 -10.93 22.05
C ALA A 87 -1.63 -9.67 22.02
N ARG A 88 -1.00 -8.50 21.85
CA ARG A 88 -1.77 -7.27 21.69
C ARG A 88 -2.70 -7.36 20.48
N ILE A 89 -2.21 -7.95 19.38
CA ILE A 89 -3.05 -8.05 18.20
C ILE A 89 -4.26 -8.93 18.47
N ARG A 90 -4.03 -10.11 19.05
CA ARG A 90 -5.13 -11.00 19.42
C ARG A 90 -6.18 -10.25 20.22
N LYS A 91 -5.73 -9.47 21.22
CA LYS A 91 -6.66 -8.73 22.07
C LYS A 91 -7.47 -7.74 21.28
N ALA A 92 -6.79 -6.92 20.48
CA ALA A 92 -7.47 -5.93 19.65
C ALA A 92 -8.49 -6.59 18.72
N LEU A 93 -8.15 -7.77 18.19
CA LEU A 93 -9.04 -8.43 17.24
C LEU A 93 -10.28 -8.94 17.95
N ALA A 94 -10.08 -9.56 19.12
CA ALA A 94 -11.19 -10.01 19.93
C ALA A 94 -12.12 -8.86 20.29
N GLU A 95 -11.56 -7.69 20.55
CA GLU A 95 -12.35 -6.54 20.93
C GLU A 95 -12.85 -5.71 19.75
N GLY A 96 -12.59 -6.13 18.51
CA GLY A 96 -12.98 -5.33 17.36
C GLY A 96 -12.31 -3.97 17.28
N ARG A 97 -11.07 -3.87 17.73
CA ARG A 97 -10.37 -2.60 17.73
C ARG A 97 -9.27 -2.61 16.67
N PRO A 98 -8.91 -1.46 16.13
CA PRO A 98 -7.73 -1.39 15.26
C PRO A 98 -6.44 -1.52 16.06
N CYS A 99 -5.37 -1.92 15.37
CA CYS A 99 -4.05 -1.92 16.00
C CYS A 99 -2.98 -1.86 14.93
N ARG A 100 -1.76 -1.55 15.35
CA ARG A 100 -0.63 -1.46 14.43
C ARG A 100 0.63 -2.03 15.08
N GLU A 101 1.39 -2.88 14.37
CA GLU A 101 2.59 -3.49 14.94
C GLU A 101 3.67 -3.67 13.89
N VAL A 102 4.92 -3.62 14.32
CA VAL A 102 6.04 -4.02 13.49
C VAL A 102 6.42 -5.43 13.89
N LEU A 103 6.49 -6.33 12.90
CA LEU A 103 6.75 -7.73 13.16
C LEU A 103 7.87 -8.22 12.25
N ARG A 104 8.62 -9.21 12.74
CA ARG A 104 9.51 -9.99 11.89
C ARG A 104 8.73 -11.22 11.47
N ASN A 105 8.57 -11.41 10.17
CA ASN A 105 7.90 -12.59 9.61
C ASN A 105 8.84 -13.29 8.65
N TYR A 106 8.47 -14.51 8.25
CA TYR A 106 9.32 -15.34 7.41
C TYR A 106 8.49 -15.77 6.20
N ARG A 107 9.06 -15.64 5.01
CA ARG A 107 8.36 -16.01 3.79
C ARG A 107 8.27 -17.52 3.66
N LYS A 108 7.62 -17.98 2.59
CA LYS A 108 7.53 -19.41 2.35
C LYS A 108 8.93 -20.03 2.26
N ASP A 109 9.87 -19.35 1.64
CA ASP A 109 11.23 -19.84 1.50
C ASP A 109 12.06 -19.61 2.75
N GLY A 110 11.50 -19.00 3.79
CA GLY A 110 12.22 -18.82 5.03
C GLY A 110 12.99 -17.54 5.18
N SER A 111 13.11 -16.72 4.14
CA SER A 111 13.76 -15.44 4.33
C SER A 111 12.92 -14.54 5.23
N ALA A 112 13.60 -13.70 6.01
CA ALA A 112 13.00 -12.81 6.98
C ALA A 112 12.63 -11.49 6.30
N PHE A 113 11.51 -10.91 6.75
CA PHE A 113 11.19 -9.53 6.40
C PHE A 113 10.55 -8.85 7.60
N TRP A 114 10.88 -7.59 7.79
CA TRP A 114 10.20 -6.73 8.74
C TRP A 114 9.00 -6.07 8.08
N ASN A 115 7.87 -6.06 8.77
CA ASN A 115 6.72 -5.42 8.17
C ASN A 115 5.91 -4.71 9.24
N GLU A 116 5.41 -3.53 8.89
CA GLU A 116 4.43 -2.82 9.70
C GLU A 116 3.05 -3.27 9.26
N LEU A 117 2.28 -3.80 10.21
CA LEU A 117 0.97 -4.37 9.93
C LEU A 117 -0.06 -3.53 10.65
N SER A 118 -1.02 -3.00 9.91
CA SER A 118 -2.04 -2.11 10.44
C SER A 118 -3.37 -2.76 10.16
N ILE A 119 -4.18 -2.91 11.20
CA ILE A 119 -5.44 -3.62 11.13
C ILE A 119 -6.57 -2.62 11.35
N THR A 120 -7.53 -2.62 10.43
CA THR A 120 -8.69 -1.75 10.53
C THR A 120 -9.95 -2.59 10.59
N PRO A 121 -10.73 -2.49 11.66
CA PRO A 121 -12.03 -3.18 11.72
C PRO A 121 -13.11 -2.49 10.88
N VAL A 122 -13.99 -3.32 10.30
CA VAL A 122 -15.14 -2.84 9.56
C VAL A 122 -16.36 -3.68 9.93
N LYS A 123 -17.41 -3.04 10.42
CA LYS A 123 -18.64 -3.75 10.69
C LYS A 123 -19.50 -3.81 9.43
N CYS A 124 -19.88 -5.03 9.02
CA CYS A 124 -20.97 -5.23 8.07
C CYS A 124 -22.13 -5.79 8.90
N ASP A 125 -23.15 -4.96 9.15
CA ASP A 125 -24.36 -5.51 9.76
C ASP A 125 -25.13 -6.31 8.73
N ALA A 126 -24.94 -5.98 7.45
CA ALA A 126 -25.39 -6.84 6.36
C ALA A 126 -24.95 -8.29 6.58
N ASP A 127 -23.69 -8.48 6.96
CA ASP A 127 -23.16 -9.82 7.22
C ASP A 127 -23.19 -10.22 8.69
N HIS A 128 -23.67 -9.36 9.58
CA HIS A 128 -23.73 -9.66 11.01
C HIS A 128 -22.35 -9.94 11.60
N ARG A 129 -21.29 -9.42 10.98
CA ARG A 129 -19.95 -9.78 11.45
C ARG A 129 -18.99 -8.65 11.16
N THR A 130 -17.90 -8.66 11.92
CA THR A 130 -16.85 -7.68 11.78
C THR A 130 -15.77 -8.26 10.87
N TYR A 131 -15.40 -7.52 9.85
CA TYR A 131 -14.29 -7.84 8.97
C TYR A 131 -13.07 -7.04 9.36
N PHE A 132 -11.89 -7.61 9.17
CA PHE A 132 -10.63 -6.92 9.46
C PHE A 132 -9.79 -6.76 8.18
N ILE A 133 -9.32 -5.55 7.96
CA ILE A 133 -8.46 -5.21 6.83
C ILE A 133 -7.06 -5.01 7.38
N GLY A 134 -6.12 -5.85 6.93
CA GLY A 134 -4.71 -5.59 7.19
C GLY A 134 -4.04 -4.86 6.05
N ILE A 135 -3.09 -4.00 6.42
CA ILE A 135 -2.18 -3.35 5.48
C ILE A 135 -0.81 -3.76 5.94
N GLN A 136 -0.06 -4.42 5.08
CA GLN A 136 1.22 -4.98 5.48
C GLN A 136 2.28 -4.31 4.60
N LYS A 137 3.08 -3.45 5.22
CA LYS A 137 4.08 -2.66 4.52
C LYS A 137 5.44 -3.22 4.87
N ASP A 138 6.26 -3.50 3.86
CA ASP A 138 7.59 -4.03 4.11
C ASP A 138 8.46 -2.87 4.57
N VAL A 139 8.93 -2.94 5.82
CA VAL A 139 9.83 -1.95 6.40
C VAL A 139 11.27 -2.44 6.48
N SER A 140 11.58 -3.61 5.91
CA SER A 140 12.90 -4.22 6.09
C SER A 140 14.05 -3.24 5.83
N ARG A 141 13.99 -2.50 4.71
CA ARG A 141 15.09 -1.60 4.39
C ARG A 141 15.21 -0.48 5.43
N GLN A 142 14.08 0.08 5.88
CA GLN A 142 14.12 1.06 6.97
C GLN A 142 14.78 0.47 8.21
N VAL A 143 14.40 -0.76 8.57
CA VAL A 143 14.92 -1.35 9.80
C VAL A 143 16.44 -1.56 9.70
N GLU A 144 16.91 -2.15 8.59
CA GLU A 144 18.34 -2.40 8.48
C GLU A 144 19.16 -1.12 8.34
N LEU A 145 18.63 -0.09 7.65
CA LEU A 145 19.35 1.18 7.59
C LEU A 145 19.47 1.79 8.97
N GLU A 146 18.38 1.75 9.73
CA GLU A 146 18.42 2.23 11.10
C GLU A 146 19.44 1.47 11.93
N ARG A 147 19.61 0.17 11.67
CA ARG A 147 20.56 -0.63 12.45
C ARG A 147 21.99 -0.29 12.07
N GLU A 148 22.27 -0.16 10.77
CA GLU A 148 23.58 0.30 10.32
C GLU A 148 23.93 1.62 10.99
N LEU A 149 22.99 2.56 10.98
CA LEU A 149 23.22 3.86 11.61
C LEU A 149 23.54 3.72 13.09
N ALA A 150 22.91 2.78 13.79
CA ALA A 150 23.19 2.62 15.21
C ALA A 150 24.64 2.20 15.44
N GLU A 151 25.15 1.33 14.59
CA GLU A 151 26.54 0.91 14.67
C GLU A 151 27.50 2.07 14.44
N MET A 152 27.28 2.83 13.36
CA MET A 152 28.20 3.88 12.97
C MET A 152 28.49 4.87 14.10
N HIS A 153 27.54 5.03 15.03
CA HIS A 153 27.77 5.87 16.21
C HIS A 153 28.69 5.22 17.24
N VAL A 154 28.75 3.89 17.30
CA VAL A 154 29.73 3.26 18.19
C VAL A 154 31.15 3.51 17.65
N SER B 11 4.06 -29.68 -7.79
CA SER B 11 3.35 -28.82 -8.74
C SER B 11 2.13 -28.18 -8.11
N SER B 12 1.70 -27.04 -8.65
CA SER B 12 0.48 -26.41 -8.15
C SER B 12 -0.71 -26.95 -8.94
N GLY B 13 -1.46 -27.86 -8.29
CA GLY B 13 -2.83 -28.24 -8.56
C GLY B 13 -3.71 -27.61 -7.50
N LEU B 14 -3.30 -26.46 -6.96
CA LEU B 14 -4.06 -25.79 -5.92
C LEU B 14 -5.49 -25.52 -6.34
N VAL B 15 -6.38 -25.54 -5.36
CA VAL B 15 -7.79 -25.25 -5.54
C VAL B 15 -7.99 -23.74 -5.63
N PRO B 16 -8.73 -23.25 -6.63
CA PRO B 16 -8.90 -21.80 -6.75
C PRO B 16 -9.75 -21.28 -5.61
N ARG B 17 -9.29 -20.20 -4.99
CA ARG B 17 -9.97 -19.65 -3.83
C ARG B 17 -10.14 -18.15 -3.98
N GLY B 18 -11.33 -17.67 -3.62
CA GLY B 18 -11.51 -16.29 -3.19
C GLY B 18 -12.92 -16.12 -2.64
N SER B 19 -13.12 -15.29 -1.63
CA SER B 19 -14.44 -15.20 -1.00
C SER B 19 -15.29 -14.20 -1.77
N HIS B 20 -16.43 -14.68 -2.24
CA HIS B 20 -17.38 -13.82 -2.92
C HIS B 20 -18.22 -13.02 -1.93
N MET B 21 -17.93 -13.16 -0.63
CA MET B 21 -18.39 -12.21 0.39
C MET B 21 -17.76 -10.83 0.23
N ILE B 22 -16.64 -10.72 -0.49
CA ILE B 22 -15.99 -9.42 -0.67
C ILE B 22 -16.80 -8.58 -1.65
N ASN B 23 -16.97 -7.30 -1.34
CA ASN B 23 -17.88 -6.40 -2.07
C ASN B 23 -17.24 -5.03 -2.20
N ALA B 24 -17.93 -4.13 -2.91
CA ALA B 24 -17.35 -2.81 -3.18
C ALA B 24 -17.22 -1.96 -1.93
N GLN B 25 -18.04 -2.22 -0.92
CA GLN B 25 -17.91 -1.55 0.36
C GLN B 25 -16.56 -1.87 1.01
N LEU B 26 -16.14 -3.14 1.00
CA LEU B 26 -14.86 -3.51 1.61
C LEU B 26 -13.70 -3.00 0.77
N LEU B 27 -13.85 -2.99 -0.54
CA LEU B 27 -12.79 -2.43 -1.39
C LEU B 27 -12.57 -0.96 -1.08
N GLN B 28 -13.65 -0.21 -0.88
CA GLN B 28 -13.49 1.21 -0.55
C GLN B 28 -12.76 1.38 0.77
N SER B 29 -13.08 0.52 1.77
CA SER B 29 -12.39 0.59 3.05
C SER B 29 -10.92 0.21 2.92
N MET B 30 -10.58 -0.76 2.07
CA MET B 30 -9.18 -1.05 1.79
C MET B 30 -8.50 0.19 1.23
N VAL B 31 -9.15 0.85 0.27
CA VAL B 31 -8.54 2.05 -0.30
C VAL B 31 -8.45 3.15 0.74
N ASP B 32 -9.46 3.27 1.62
CA ASP B 32 -9.42 4.29 2.66
C ASP B 32 -8.34 3.99 3.69
N ALA B 33 -8.09 2.72 3.95
CA ALA B 33 -7.09 2.33 4.93
C ALA B 33 -5.70 2.28 4.35
N SER B 34 -5.56 2.36 3.03
CA SER B 34 -4.25 2.20 2.41
C SER B 34 -3.26 3.17 3.04
N ASN B 35 -2.05 2.70 3.27
CA ASN B 35 -1.08 3.65 3.78
C ASN B 35 -0.54 4.53 2.65
N ASP B 36 -0.38 3.96 1.46
CA ASP B 36 0.04 4.78 0.33
C ASP B 36 -1.13 5.60 -0.20
N GLY B 37 -0.79 6.74 -0.80
CA GLY B 37 -1.78 7.52 -1.52
C GLY B 37 -2.22 6.77 -2.77
N ILE B 38 -3.51 6.89 -3.10
CA ILE B 38 -4.06 6.25 -4.30
C ILE B 38 -4.94 7.27 -4.99
N VAL B 39 -4.67 7.54 -6.27
CA VAL B 39 -5.49 8.45 -7.05
C VAL B 39 -5.90 7.75 -8.32
N VAL B 40 -6.99 8.24 -8.90
CA VAL B 40 -7.43 7.83 -10.22
C VAL B 40 -7.47 9.06 -11.09
N ALA B 41 -7.07 8.92 -12.34
CA ALA B 41 -7.04 10.04 -13.26
C ALA B 41 -7.64 9.65 -14.61
N GLU B 42 -8.16 10.67 -15.31
CA GLU B 42 -8.65 10.56 -16.67
C GLU B 42 -7.89 11.53 -17.57
N GLN B 43 -7.92 11.25 -18.86
CA GLN B 43 -7.26 12.07 -19.88
C GLN B 43 -8.30 12.90 -20.62
N GLU B 44 -8.33 14.20 -20.36
CA GLU B 44 -9.18 15.14 -21.10
C GLU B 44 -8.25 15.94 -22.01
N GLY B 45 -8.31 15.65 -23.30
CA GLY B 45 -7.37 16.27 -24.24
C GLY B 45 -5.93 15.99 -23.86
N ASP B 46 -5.15 17.08 -23.75
CA ASP B 46 -3.72 17.03 -23.44
C ASP B 46 -3.42 17.03 -21.95
N ASP B 47 -4.43 17.06 -21.09
CA ASP B 47 -4.25 17.24 -19.65
C ASP B 47 -4.72 16.00 -18.90
N THR B 48 -4.24 15.87 -17.67
CA THR B 48 -4.56 14.74 -16.80
C THR B 48 -5.32 15.20 -15.56
N ILE B 49 -6.56 14.72 -15.44
CA ILE B 49 -7.52 15.20 -14.44
C ILE B 49 -7.74 14.15 -13.36
N LEU B 50 -7.61 14.56 -12.10
CA LEU B 50 -7.76 13.65 -10.96
C LEU B 50 -9.23 13.52 -10.59
N ILE B 51 -9.78 12.31 -10.73
CA ILE B 51 -11.18 12.11 -10.38
C ILE B 51 -11.41 11.39 -9.04
N TYR B 52 -10.35 10.88 -8.40
CA TYR B 52 -10.48 10.26 -7.07
C TYR B 52 -9.15 10.36 -6.33
N VAL B 53 -9.20 10.60 -5.04
CA VAL B 53 -8.01 10.62 -4.19
C VAL B 53 -8.40 10.03 -2.83
N ASN B 54 -7.51 9.22 -2.28
CA ASN B 54 -7.78 8.61 -0.97
C ASN B 54 -7.22 9.49 0.13
N PRO B 55 -7.55 9.18 1.40
CA PRO B 55 -7.05 10.05 2.50
C PRO B 55 -5.54 10.19 2.53
N ALA B 56 -4.79 9.10 2.31
CA ALA B 56 -3.35 9.14 2.37
C ALA B 56 -2.80 10.21 1.44
N PHE B 57 -3.43 10.39 0.29
CA PHE B 57 -2.94 11.42 -0.62
C PHE B 57 -3.00 12.80 0.04
N GLU B 58 -4.15 13.12 0.67
CA GLU B 58 -4.28 14.35 1.43
C GLU B 58 -3.24 14.43 2.54
N ARG B 59 -3.06 13.34 3.28
CA ARG B 59 -2.17 13.41 4.43
C ARG B 59 -0.73 13.59 4.01
N LEU B 60 -0.33 13.03 2.87
CA LEU B 60 1.05 13.21 2.41
C LEU B 60 1.25 14.58 1.76
N THR B 61 0.34 14.97 0.87
CA THR B 61 0.55 16.18 0.08
C THR B 61 0.03 17.46 0.74
N GLY B 62 -0.86 17.37 1.73
CA GLY B 62 -1.45 18.56 2.31
C GLY B 62 -2.54 19.23 1.50
N TYR B 63 -2.98 18.64 0.39
CA TYR B 63 -4.08 19.17 -0.42
C TYR B 63 -5.34 18.38 -0.13
N SER B 64 -6.46 19.09 0.00
CA SER B 64 -7.69 18.37 0.25
C SER B 64 -8.22 17.74 -1.04
N ARG B 65 -9.11 16.75 -0.84
CA ARG B 65 -9.85 16.15 -1.94
C ARG B 65 -10.48 17.21 -2.84
N ASP B 66 -11.12 18.21 -2.23
CA ASP B 66 -11.94 19.11 -3.01
C ASP B 66 -11.17 20.20 -3.74
N GLU B 67 -9.97 20.56 -3.28
CA GLU B 67 -9.19 21.46 -4.12
C GLU B 67 -8.48 20.71 -5.23
N ILE B 68 -8.31 19.41 -5.06
CA ILE B 68 -7.64 18.57 -6.06
C ILE B 68 -8.59 18.13 -7.15
N LEU B 69 -9.82 17.76 -6.78
CA LEU B 69 -10.65 16.97 -7.69
C LEU B 69 -10.93 17.74 -8.98
N TYR B 70 -10.80 17.03 -10.10
CA TYR B 70 -11.14 17.53 -11.41
C TYR B 70 -10.29 18.76 -11.80
N GLN B 71 -9.08 18.89 -11.26
CA GLN B 71 -8.12 19.89 -11.70
C GLN B 71 -6.89 19.16 -12.27
N ASP B 72 -6.15 19.85 -13.15
CA ASP B 72 -5.00 19.21 -13.78
C ASP B 72 -3.95 18.86 -12.73
N CYS B 73 -3.33 17.69 -12.91
CA CYS B 73 -2.34 17.22 -11.94
C CYS B 73 -1.09 18.08 -11.92
N ARG B 74 -0.97 19.05 -12.83
CA ARG B 74 0.18 19.96 -12.80
C ARG B 74 0.27 20.74 -11.49
N PHE B 75 -0.79 20.74 -10.68
CA PHE B 75 -0.79 21.44 -9.40
C PHE B 75 0.30 20.93 -8.45
N LEU B 76 0.68 19.66 -8.54
CA LEU B 76 1.65 19.17 -7.59
C LEU B 76 3.01 19.59 -8.12
N GLN B 77 3.65 20.51 -7.40
CA GLN B 77 4.85 21.16 -7.92
C GLN B 77 5.99 20.16 -7.91
N GLY B 78 6.71 20.08 -9.04
CA GLY B 78 7.81 19.14 -9.18
C GLY B 78 9.15 19.83 -8.97
N ASP B 79 10.19 19.05 -9.21
CA ASP B 79 11.57 19.49 -9.05
C ASP B 79 12.20 19.47 -10.44
N ASP B 80 13.16 20.36 -10.64
CA ASP B 80 13.83 20.38 -11.94
C ASP B 80 14.79 19.21 -12.10
N ARG B 81 15.43 18.74 -11.02
CA ARG B 81 16.26 17.55 -11.09
C ARG B 81 15.47 16.33 -11.56
N ASP B 82 14.14 16.39 -11.49
CA ASP B 82 13.22 15.34 -11.92
C ASP B 82 12.66 15.59 -13.32
N GLN B 83 13.10 16.64 -14.01
CA GLN B 83 12.49 17.03 -15.28
C GLN B 83 12.47 15.87 -16.27
N LEU B 84 13.57 15.10 -16.35
CA LEU B 84 13.61 13.94 -17.24
C LEU B 84 12.54 12.93 -16.83
N ALA B 85 12.53 12.55 -15.55
CA ALA B 85 11.52 11.61 -15.06
C ALA B 85 10.10 12.13 -15.32
N ARG B 86 9.84 13.41 -15.03
CA ARG B 86 8.56 14.02 -15.37
C ARG B 86 8.20 13.72 -16.82
N ALA B 87 9.18 13.82 -17.70
CA ALA B 87 8.93 13.64 -19.13
C ALA B 87 8.64 12.18 -19.46
N ARG B 88 9.40 11.26 -18.86
CA ARG B 88 9.12 9.84 -19.05
C ARG B 88 7.68 9.53 -18.69
N ILE B 89 7.17 10.17 -17.64
CA ILE B 89 5.81 9.89 -17.18
C ILE B 89 4.80 10.30 -18.23
N ARG B 90 4.87 11.55 -18.69
CA ARG B 90 3.94 11.99 -19.72
C ARG B 90 3.98 11.09 -20.95
N LYS B 91 5.18 10.67 -21.36
CA LYS B 91 5.28 9.76 -22.49
C LYS B 91 4.45 8.50 -22.25
N ALA B 92 4.71 7.83 -21.13
CA ALA B 92 3.96 6.60 -20.83
C ALA B 92 2.47 6.87 -20.77
N LEU B 93 2.09 8.02 -20.20
CA LEU B 93 0.66 8.37 -20.10
C LEU B 93 0.03 8.47 -21.46
N ALA B 94 0.71 9.16 -22.40
CA ALA B 94 0.19 9.29 -23.74
C ALA B 94 0.06 7.93 -24.41
N GLU B 95 1.04 7.06 -24.22
CA GLU B 95 0.99 5.75 -24.85
C GLU B 95 0.18 4.74 -24.07
N GLY B 96 -0.40 5.15 -22.94
CA GLY B 96 -1.11 4.21 -22.09
C GLY B 96 -0.24 3.08 -21.59
N ARG B 97 1.10 3.32 -21.45
CA ARG B 97 1.93 2.28 -20.86
C ARG B 97 2.12 2.58 -19.38
N PRO B 98 2.31 1.58 -18.54
CA PRO B 98 2.61 1.86 -17.13
C PRO B 98 4.03 2.38 -16.95
N CYS B 99 4.26 3.07 -15.83
CA CYS B 99 5.61 3.51 -15.48
C CYS B 99 5.68 3.73 -13.98
N ARG B 100 6.92 3.85 -13.49
CA ARG B 100 7.22 4.05 -12.09
C ARG B 100 8.41 5.01 -12.02
N GLU B 101 8.33 6.01 -11.14
CA GLU B 101 9.40 6.99 -10.97
C GLU B 101 9.46 7.43 -9.52
N VAL B 102 10.66 7.77 -9.07
CA VAL B 102 10.88 8.41 -7.79
C VAL B 102 11.04 9.90 -8.05
N LEU B 103 10.21 10.71 -7.41
CA LEU B 103 10.18 12.14 -7.66
C LEU B 103 10.32 12.88 -6.34
N ARG B 104 10.91 14.07 -6.41
CA ARG B 104 10.85 15.02 -5.32
C ARG B 104 9.72 15.98 -5.68
N ASN B 105 8.67 16.00 -4.87
CA ASN B 105 7.52 16.88 -5.05
C ASN B 105 7.40 17.80 -3.86
N TYR B 106 6.46 18.73 -3.96
CA TYR B 106 6.30 19.78 -2.96
C TYR B 106 4.89 19.79 -2.44
N ARG B 107 4.75 19.88 -1.12
CA ARG B 107 3.45 19.88 -0.49
C ARG B 107 2.74 21.19 -0.78
N LYS B 108 1.51 21.30 -0.30
CA LYS B 108 0.79 22.57 -0.44
C LYS B 108 1.57 23.69 0.23
N ASP B 109 2.18 23.40 1.37
CA ASP B 109 2.98 24.39 2.08
C ASP B 109 4.38 24.54 1.48
N GLY B 110 4.69 23.83 0.41
CA GLY B 110 5.95 23.98 -0.27
C GLY B 110 7.08 23.13 0.26
N SER B 111 6.87 22.45 1.39
CA SER B 111 7.88 21.52 1.88
C SER B 111 8.03 20.36 0.92
N ALA B 112 9.23 19.82 0.85
CA ALA B 112 9.53 18.74 -0.08
C ALA B 112 9.21 17.38 0.52
N PHE B 113 8.78 16.46 -0.32
CA PHE B 113 8.78 15.05 0.04
C PHE B 113 9.22 14.21 -1.15
N TRP B 114 10.02 13.19 -0.88
CA TRP B 114 10.39 12.19 -1.86
C TRP B 114 9.31 11.10 -1.92
N ASN B 115 8.91 10.73 -3.14
CA ASN B 115 7.89 9.71 -3.28
C ASN B 115 8.11 8.87 -4.53
N GLU B 116 7.86 7.57 -4.41
CA GLU B 116 7.82 6.67 -5.56
C GLU B 116 6.40 6.62 -6.10
N LEU B 117 6.22 6.99 -7.36
CA LEU B 117 4.91 7.07 -7.97
C LEU B 117 4.80 5.99 -9.02
N SER B 118 3.76 5.17 -8.94
CA SER B 118 3.58 4.04 -9.84
C SER B 118 2.22 4.15 -10.50
N ILE B 119 2.20 4.19 -11.83
CA ILE B 119 0.98 4.47 -12.58
C ILE B 119 0.65 3.24 -13.40
N THR B 120 -0.59 2.75 -13.26
CA THR B 120 -1.13 1.63 -14.03
C THR B 120 -2.35 2.08 -14.82
N PRO B 121 -2.34 1.99 -16.15
CA PRO B 121 -3.57 2.25 -16.92
C PRO B 121 -4.54 1.08 -16.81
N VAL B 122 -5.83 1.41 -16.77
CA VAL B 122 -6.88 0.40 -16.66
C VAL B 122 -8.05 0.78 -17.56
N LYS B 123 -8.49 -0.16 -18.39
CA LYS B 123 -9.70 0.03 -19.19
C LYS B 123 -10.91 -0.31 -18.32
N CYS B 124 -11.91 0.58 -18.30
CA CYS B 124 -13.12 0.34 -17.53
C CYS B 124 -14.14 -0.41 -18.36
N ASP B 125 -14.69 -1.49 -17.77
CA ASP B 125 -15.60 -2.35 -18.50
C ASP B 125 -16.97 -1.71 -18.69
N ALA B 126 -17.43 -0.92 -17.72
CA ALA B 126 -18.76 -0.32 -17.84
C ALA B 126 -18.74 0.82 -18.88
N ASP B 127 -17.89 1.81 -18.68
CA ASP B 127 -17.70 2.89 -19.63
C ASP B 127 -16.35 2.68 -20.31
N HIS B 128 -16.35 2.59 -21.63
CA HIS B 128 -15.07 2.29 -22.29
C HIS B 128 -14.38 3.64 -22.46
N ARG B 129 -13.41 3.88 -21.58
CA ARG B 129 -12.48 4.99 -21.57
C ARG B 129 -11.30 4.50 -20.76
N THR B 130 -10.12 5.07 -20.99
CA THR B 130 -8.92 4.62 -20.29
C THR B 130 -8.65 5.51 -19.08
N TYR B 131 -8.56 4.87 -17.92
CA TYR B 131 -8.21 5.52 -16.66
C TYR B 131 -6.82 5.04 -16.20
N PHE B 132 -6.14 5.91 -15.45
CA PHE B 132 -4.84 5.61 -14.86
C PHE B 132 -4.93 5.66 -13.34
N ILE B 133 -4.36 4.65 -12.69
CA ILE B 133 -4.33 4.55 -11.23
C ILE B 133 -2.92 4.86 -10.78
N GLY B 134 -2.76 5.92 -9.99
CA GLY B 134 -1.50 6.19 -9.33
C GLY B 134 -1.44 5.63 -7.92
N ILE B 135 -0.26 5.15 -7.53
CA ILE B 135 0.07 4.78 -6.17
C ILE B 135 1.24 5.63 -5.77
N GLN B 136 1.11 6.36 -4.67
CA GLN B 136 2.09 7.34 -4.23
C GLN B 136 2.67 6.90 -2.91
N LYS B 137 3.93 6.44 -2.94
CA LYS B 137 4.62 5.89 -1.79
C LYS B 137 5.63 6.91 -1.28
N ASP B 138 5.49 7.31 -0.02
CA ASP B 138 6.45 8.25 0.54
C ASP B 138 7.76 7.53 0.79
N VAL B 139 8.83 7.97 0.12
CA VAL B 139 10.17 7.45 0.38
C VAL B 139 11.01 8.42 1.19
N SER B 140 10.43 9.52 1.68
CA SER B 140 11.23 10.54 2.36
C SER B 140 12.14 9.92 3.41
N ARG B 141 11.59 9.03 4.23
CA ARG B 141 12.36 8.49 5.34
C ARG B 141 13.52 7.62 4.86
N GLN B 142 13.27 6.81 3.82
CA GLN B 142 14.36 6.01 3.25
C GLN B 142 15.47 6.90 2.72
N VAL B 143 15.10 7.94 1.97
CA VAL B 143 16.09 8.86 1.41
C VAL B 143 16.88 9.51 2.54
N GLU B 144 16.18 9.97 3.57
CA GLU B 144 16.83 10.68 4.65
C GLU B 144 17.78 9.78 5.43
N LEU B 145 17.40 8.52 5.65
CA LEU B 145 18.29 7.58 6.31
C LEU B 145 19.51 7.26 5.46
N GLU B 146 19.29 7.00 4.17
CA GLU B 146 20.42 6.73 3.28
C GLU B 146 21.42 7.89 3.27
N ARG B 147 20.94 9.13 3.40
CA ARG B 147 21.85 10.28 3.41
C ARG B 147 22.63 10.37 4.71
N GLU B 148 21.97 10.17 5.84
CA GLU B 148 22.70 10.13 7.12
C GLU B 148 23.79 9.09 7.09
N LEU B 149 23.47 7.88 6.59
CA LEU B 149 24.47 6.84 6.52
C LEU B 149 25.64 7.27 5.64
N ALA B 150 25.33 7.95 4.53
CA ALA B 150 26.39 8.41 3.63
C ALA B 150 27.29 9.40 4.34
N GLU B 151 26.69 10.30 5.12
CA GLU B 151 27.47 11.25 5.89
C GLU B 151 28.36 10.54 6.90
N MET B 152 27.77 9.64 7.69
CA MET B 152 28.54 8.89 8.67
C MET B 152 29.68 8.11 8.03
N HIS B 153 29.55 7.71 6.77
CA HIS B 153 30.68 7.05 6.15
C HIS B 153 31.82 8.03 5.97
N VAL B 154 31.48 9.28 5.65
CA VAL B 154 32.50 10.32 5.54
C VAL B 154 33.03 10.66 6.92
N ARG B 155 32.15 10.71 7.92
CA ARG B 155 32.58 10.98 9.28
C ARG B 155 33.49 9.88 9.81
N ARG B 156 33.04 8.62 9.75
CA ARG B 156 33.77 7.58 10.47
C ARG B 156 34.97 7.07 9.68
N ASN B 157 34.80 6.79 8.40
CA ASN B 157 35.84 6.11 7.63
C ASN B 157 36.77 7.11 6.95
S SO4 C . 7.04 -4.70 22.92
O1 SO4 C . 6.24 -5.88 22.63
O2 SO4 C . 8.25 -5.12 23.62
O3 SO4 C . 6.32 -3.75 23.78
O4 SO4 C . 7.41 -4.07 21.63
S SO4 D . 1.99 -17.11 19.81
O1 SO4 D . 2.86 -18.10 19.19
O2 SO4 D . 1.27 -17.83 20.86
O3 SO4 D . 2.78 -16.04 20.43
O4 SO4 D . 1.04 -16.58 18.80
S SO4 E . 17.78 10.13 -14.68
O1 SO4 E . 18.01 9.67 -16.04
O2 SO4 E . 17.84 8.97 -13.78
O3 SO4 E . 18.81 11.08 -14.30
O4 SO4 E . 16.46 10.79 -14.62
CL CL F . 15.03 17.37 1.39
CL CL G . 8.07 19.51 -16.94
#